data_5WCD
#
_entry.id   5WCD
#
_cell.length_a   62.490
_cell.length_b   77.683
_cell.length_c   80.612
_cell.angle_alpha   90.00
_cell.angle_beta   90.00
_cell.angle_gamma   90.00
#
_symmetry.space_group_name_H-M   'P 21 21 21'
#
loop_
_entity.id
_entity.type
_entity.pdbx_description
1 polymer 'VRC315 04-1D02 Fab Heavy chain'
2 polymer 'VRC315 04-1D02 Fab Light chain'
3 non-polymer 'PHOSPHATE ION'
4 non-polymer 'SULFATE ION'
5 water water
#
loop_
_entity_poly.entity_id
_entity_poly.type
_entity_poly.pdbx_seq_one_letter_code
_entity_poly.pdbx_strand_id
1 'polypeptide(L)'
;EVQLVETGGGLIQPGGSVRLSCAASEFTVGSNFMHWVRQAPGKGLEWVSVIFKGGTAYYADSVRGRFVVSRDDSKNTLFL
QMNSLRVDDTAVYFCARDGGLRFLDWPRWGMDVWGQGTTVIVSSASTKGPSVFPLAPSSKSTSGGTAALGCLVKDYFPEP
VTVSWNSGALTSGVHTFPAVLQSSGLYSLSSVVTVPSSSLGTQTYICNVNHKPSNTKVDKKVEPKSCDK
;
H
2 'polypeptide(L)'
;QSALTQPPSASGSLGQSITISCTGTRSDIGAYSYVSWYQQHPGKAPKVIIYEVNKRPSGVPDRFSGSKSGSTASLTVSGL
QADDESTYYCSSYAGDKNFVLFGGGTKLTVVGQPKANPTVTLFPPSSEELQANKATLVCLISDFYPGAVTVAWKADSSPV
KAGVETTTPSKQSNNKYAASSYLSLTPEQWKSHRSYSCQVTHEGSTVEKTVAPTECS
;
L
#
# COMPACT_ATOMS: atom_id res chain seq x y z
N GLU A 1 16.80 10.13 10.53
CA GLU A 1 16.72 8.72 10.07
C GLU A 1 17.04 8.61 8.57
N VAL A 2 17.71 7.52 8.21
CA VAL A 2 17.93 7.22 6.80
C VAL A 2 16.59 7.05 6.12
N GLN A 3 16.39 7.72 4.99
CA GLN A 3 15.14 7.52 4.28
C GLN A 3 15.25 8.09 2.87
N LEU A 4 14.30 7.67 2.04
CA LEU A 4 14.08 8.20 0.70
C LEU A 4 12.64 8.68 0.62
N VAL A 5 12.43 9.90 0.14
CA VAL A 5 11.10 10.50 0.07
C VAL A 5 10.82 10.84 -1.38
N GLU A 6 9.75 10.27 -1.92
CA GLU A 6 9.40 10.45 -3.32
C GLU A 6 8.26 11.45 -3.48
N THR A 7 8.31 12.21 -4.58
CA THR A 7 7.22 13.09 -4.95
CA THR A 7 7.25 13.13 -4.95
C THR A 7 7.14 13.12 -6.47
N GLY A 8 6.10 13.79 -6.97
CA GLY A 8 5.84 13.85 -8.38
C GLY A 8 4.93 12.72 -8.83
N GLY A 9 4.61 12.75 -10.12
CA GLY A 9 3.71 11.75 -10.68
C GLY A 9 2.29 12.28 -10.82
N GLY A 10 1.32 11.39 -10.75
CA GLY A 10 -0.07 11.76 -10.97
C GLY A 10 -0.60 11.12 -12.23
N LEU A 11 -1.62 11.74 -12.84
CA LEU A 11 -2.25 11.21 -14.02
C LEU A 11 -1.84 12.05 -15.23
N ILE A 12 -1.29 11.39 -16.25
CA ILE A 12 -0.75 12.03 -17.43
C ILE A 12 -1.37 11.39 -18.65
N GLN A 13 -1.66 12.20 -19.66
CA GLN A 13 -2.18 11.67 -20.90
C GLN A 13 -1.12 10.86 -21.64
N PRO A 14 -1.52 9.83 -22.38
CA PRO A 14 -0.56 9.11 -23.22
C PRO A 14 0.22 10.08 -24.09
N GLY A 15 1.52 9.82 -24.23
CA GLY A 15 2.41 10.68 -24.97
C GLY A 15 2.99 11.83 -24.18
N GLY A 16 2.43 12.14 -23.01
CA GLY A 16 2.95 13.21 -22.17
C GLY A 16 4.19 12.77 -21.41
N SER A 17 4.59 13.62 -20.46
CA SER A 17 5.76 13.33 -19.64
C SER A 17 5.51 13.75 -18.19
N VAL A 18 6.34 13.20 -17.30
CA VAL A 18 6.32 13.55 -15.89
C VAL A 18 7.70 13.27 -15.33
N ARG A 19 8.07 13.98 -14.27
CA ARG A 19 9.32 13.76 -13.58
C ARG A 19 9.06 13.35 -12.14
N LEU A 20 9.69 12.26 -11.72
CA LEU A 20 9.62 11.81 -10.33
C LEU A 20 10.88 12.23 -9.60
N SER A 21 10.73 12.59 -8.33
CA SER A 21 11.85 12.99 -7.48
C SER A 21 11.96 12.04 -6.30
N CYS A 22 13.20 11.76 -5.91
CA CYS A 22 13.50 10.83 -4.82
C CYS A 22 14.59 11.48 -3.97
N ALA A 23 14.18 12.05 -2.85
CA ALA A 23 15.08 12.83 -2.00
C ALA A 23 15.63 11.96 -0.88
N ALA A 24 16.94 11.91 -0.77
CA ALA A 24 17.60 11.13 0.26
C ALA A 24 17.82 11.97 1.52
N SER A 25 17.92 11.27 2.65
CA SER A 25 18.21 11.90 3.92
C SER A 25 19.21 11.03 4.67
N GLU A 26 20.27 11.66 5.17
CA GLU A 26 21.30 11.04 6.00
C GLU A 26 22.18 10.04 5.25
N PHE A 27 22.05 9.94 3.93
CA PHE A 27 23.07 9.33 3.09
C PHE A 27 23.04 10.05 1.75
N THR A 28 24.10 9.91 0.97
CA THR A 28 24.21 10.63 -0.31
C THR A 28 23.91 9.69 -1.46
N VAL A 29 23.05 10.15 -2.38
CA VAL A 29 22.74 9.34 -3.56
C VAL A 29 23.98 9.06 -4.38
N GLY A 30 24.94 9.99 -4.39
CA GLY A 30 26.17 9.81 -5.14
C GLY A 30 27.13 8.78 -4.57
N SER A 31 26.94 8.37 -3.32
CA SER A 31 27.74 7.31 -2.73
C SER A 31 27.16 5.93 -2.95
N ASN A 32 26.10 5.82 -3.76
CA ASN A 32 25.37 4.58 -3.87
C ASN A 32 24.94 4.35 -5.30
N PHE A 33 24.48 3.12 -5.55
CA PHE A 33 23.84 2.75 -6.81
C PHE A 33 22.35 2.88 -6.59
N MET A 34 21.73 3.88 -7.23
CA MET A 34 20.34 4.21 -6.99
C MET A 34 19.49 3.58 -8.08
N HIS A 35 18.51 2.78 -7.68
CA HIS A 35 17.64 2.07 -8.60
C HIS A 35 16.25 2.69 -8.61
N TRP A 36 15.59 2.56 -9.76
CA TRP A 36 14.16 2.74 -9.85
C TRP A 36 13.51 1.39 -10.14
N VAL A 37 12.45 1.07 -9.41
CA VAL A 37 11.70 -0.17 -9.54
C VAL A 37 10.22 0.18 -9.56
N ARG A 38 9.46 -0.47 -10.43
CA ARG A 38 8.05 -0.15 -10.56
C ARG A 38 7.20 -1.39 -10.39
N GLN A 39 5.91 -1.14 -10.16
CA GLN A 39 4.96 -2.23 -9.87
C GLN A 39 3.61 -1.85 -10.47
N ALA A 40 3.22 -2.54 -11.53
CA ALA A 40 1.96 -2.25 -12.20
C ALA A 40 0.79 -2.71 -11.33
N PRO A 41 -0.39 -2.12 -11.51
CA PRO A 41 -1.54 -2.51 -10.70
C PRO A 41 -1.74 -4.01 -10.67
N GLY A 42 -1.76 -4.58 -9.47
CA GLY A 42 -1.99 -6.00 -9.30
C GLY A 42 -0.85 -6.89 -9.74
N LYS A 43 0.32 -6.35 -10.01
CA LYS A 43 1.43 -7.09 -10.58
C LYS A 43 2.62 -7.06 -9.62
N GLY A 44 3.73 -7.67 -10.04
CA GLY A 44 4.92 -7.75 -9.24
C GLY A 44 5.90 -6.63 -9.52
N LEU A 45 7.07 -6.76 -8.90
CA LEU A 45 8.13 -5.79 -9.06
C LEU A 45 8.82 -5.97 -10.41
N GLU A 46 9.15 -4.84 -11.04
CA GLU A 46 9.87 -4.82 -12.30
C GLU A 46 10.92 -3.73 -12.23
N TRP A 47 12.16 -4.09 -12.56
CA TRP A 47 13.28 -3.16 -12.54
C TRP A 47 13.17 -2.17 -13.70
N VAL A 48 13.54 -0.92 -13.43
CA VAL A 48 13.43 0.18 -14.39
C VAL A 48 14.79 0.72 -14.78
N SER A 49 15.63 1.05 -13.80
CA SER A 49 16.91 1.65 -14.15
C SER A 49 17.81 1.68 -12.91
N VAL A 50 19.10 1.91 -13.15
CA VAL A 50 20.06 2.18 -12.10
C VAL A 50 21.01 3.23 -12.60
N ILE A 51 21.50 4.05 -11.68
CA ILE A 51 22.54 5.02 -11.99
C ILE A 51 23.73 4.73 -11.09
N PHE A 52 24.88 4.53 -11.69
CA PHE A 52 26.10 4.23 -10.95
C PHE A 52 26.64 5.50 -10.29
N LYS A 53 27.62 5.31 -9.39
CA LYS A 53 28.17 6.44 -8.66
C LYS A 53 28.76 7.49 -9.59
N GLY A 54 29.30 7.07 -10.74
CA GLY A 54 29.87 7.99 -11.69
C GLY A 54 28.89 8.69 -12.60
N GLY A 55 27.61 8.36 -12.52
CA GLY A 55 26.59 8.96 -13.35
C GLY A 55 26.11 8.11 -14.50
N THR A 56 26.76 6.98 -14.77
CA THR A 56 26.35 6.13 -15.88
C THR A 56 25.03 5.47 -15.56
N ALA A 57 24.08 5.59 -16.49
CA ALA A 57 22.73 5.10 -16.30
C ALA A 57 22.48 3.88 -17.17
N TYR A 58 21.75 2.91 -16.61
CA TYR A 58 21.31 1.72 -17.32
C TYR A 58 19.79 1.59 -17.20
N TYR A 59 19.18 1.04 -18.25
CA TYR A 59 17.72 1.05 -18.40
C TYR A 59 17.22 -0.32 -18.82
N ALA A 60 16.04 -0.67 -18.34
CA ALA A 60 15.31 -1.82 -18.86
C ALA A 60 14.84 -1.55 -20.29
N ASP A 61 14.73 -2.61 -21.08
CA ASP A 61 14.35 -2.48 -22.49
C ASP A 61 13.03 -1.72 -22.66
N SER A 62 12.08 -1.94 -21.75
CA SER A 62 10.75 -1.35 -21.91
C SER A 62 10.77 0.18 -21.81
N VAL A 63 11.79 0.78 -21.22
CA VAL A 63 11.84 2.22 -21.01
C VAL A 63 13.00 2.87 -21.74
N ARG A 64 13.88 2.10 -22.36
CA ARG A 64 15.06 2.65 -23.02
C ARG A 64 14.65 3.66 -24.08
N GLY A 65 15.30 4.83 -24.05
CA GLY A 65 15.02 5.89 -24.99
C GLY A 65 13.87 6.79 -24.61
N ARG A 66 13.08 6.42 -23.59
CA ARG A 66 11.96 7.24 -23.15
C ARG A 66 12.16 7.81 -21.76
N PHE A 67 12.85 7.09 -20.88
CA PHE A 67 13.12 7.55 -19.52
C PHE A 67 14.57 7.98 -19.38
N VAL A 68 14.80 8.94 -18.48
CA VAL A 68 16.14 9.41 -18.17
C VAL A 68 16.28 9.46 -16.65
N VAL A 69 17.25 8.73 -16.12
CA VAL A 69 17.57 8.78 -14.70
C VAL A 69 18.76 9.71 -14.54
N SER A 70 18.73 10.55 -13.51
CA SER A 70 19.80 11.49 -13.25
C SER A 70 19.78 11.83 -11.76
N ARG A 71 20.85 12.47 -11.30
CA ARG A 71 20.95 12.93 -9.94
C ARG A 71 21.32 14.40 -9.91
N ASP A 72 20.83 15.09 -8.89
CA ASP A 72 21.30 16.42 -8.53
C ASP A 72 21.96 16.28 -7.16
N ASP A 73 23.28 16.10 -7.17
CA ASP A 73 23.98 15.86 -5.91
C ASP A 73 23.87 17.07 -4.98
N SER A 74 23.82 18.29 -5.51
CA SER A 74 23.70 19.46 -4.64
C SER A 74 22.39 19.42 -3.86
N LYS A 75 21.37 18.77 -4.40
CA LYS A 75 20.09 18.60 -3.72
C LYS A 75 19.91 17.21 -3.14
N ASN A 76 20.93 16.36 -3.27
CA ASN A 76 20.88 14.98 -2.78
C ASN A 76 19.57 14.32 -3.18
N THR A 77 19.25 14.41 -4.47
CA THR A 77 17.99 13.94 -5.02
C THR A 77 18.24 13.15 -6.29
N LEU A 78 17.50 12.06 -6.42
CA LEU A 78 17.48 11.22 -7.62
C LEU A 78 16.21 11.52 -8.40
N PHE A 79 16.33 11.61 -9.72
CA PHE A 79 15.21 11.93 -10.58
C PHE A 79 14.95 10.79 -11.56
N LEU A 80 13.69 10.68 -11.99
CA LEU A 80 13.33 9.85 -13.14
C LEU A 80 12.45 10.71 -14.05
N GLN A 81 12.99 11.10 -15.21
CA GLN A 81 12.22 11.82 -16.21
C GLN A 81 11.61 10.79 -17.16
N MET A 82 10.28 10.80 -17.25
CA MET A 82 9.53 9.79 -18.00
C MET A 82 8.83 10.48 -19.17
N ASN A 83 9.37 10.29 -20.37
CA ASN A 83 8.83 10.90 -21.58
C ASN A 83 8.04 9.88 -22.41
N SER A 84 7.31 10.40 -23.38
CA SER A 84 6.55 9.57 -24.32
C SER A 84 5.79 8.45 -23.59
N LEU A 85 5.03 8.86 -22.58
CA LEU A 85 4.41 7.90 -21.67
C LEU A 85 3.42 7.01 -22.41
N ARG A 86 3.32 5.76 -21.95
CA ARG A 86 2.42 4.76 -22.48
C ARG A 86 1.50 4.27 -21.36
N VAL A 87 0.33 3.78 -21.74
CA VAL A 87 -0.62 3.26 -20.75
C VAL A 87 0.06 2.22 -19.88
N ASP A 88 0.93 1.39 -20.46
CA ASP A 88 1.55 0.31 -19.70
C ASP A 88 2.69 0.81 -18.81
N ASP A 89 3.01 2.10 -18.83
CA ASP A 89 3.87 2.68 -17.80
C ASP A 89 3.13 2.93 -16.49
N THR A 90 1.81 2.80 -16.48
CA THR A 90 1.03 2.95 -15.25
C THR A 90 1.55 2.00 -14.18
N ALA A 91 1.93 2.56 -13.03
CA ALA A 91 2.51 1.76 -11.96
C ALA A 91 2.84 2.67 -10.79
N VAL A 92 3.11 2.04 -9.64
CA VAL A 92 3.80 2.69 -8.53
C VAL A 92 5.30 2.61 -8.79
N TYR A 93 6.00 3.73 -8.59
CA TYR A 93 7.43 3.82 -8.85
C TYR A 93 8.17 3.98 -7.54
N PHE A 94 9.08 3.06 -7.27
CA PHE A 94 9.93 3.10 -6.09
C PHE A 94 11.35 3.45 -6.48
N CYS A 95 12.00 4.28 -5.67
CA CYS A 95 13.44 4.41 -5.70
C CYS A 95 14.04 3.63 -4.55
N ALA A 96 15.29 3.19 -4.72
CA ALA A 96 15.90 2.33 -3.73
C ALA A 96 17.42 2.44 -3.76
N ARG A 97 18.03 2.31 -2.58
CA ARG A 97 19.48 2.35 -2.42
C ARG A 97 20.08 0.97 -2.53
N ASP A 98 21.10 0.84 -3.38
CA ASP A 98 21.93 -0.35 -3.50
C ASP A 98 23.34 0.06 -3.04
N GLY A 99 23.76 -0.47 -1.89
CA GLY A 99 25.02 -0.05 -1.28
C GLY A 99 26.25 -0.39 -2.10
N GLY A 100 26.14 -1.31 -3.05
CA GLY A 100 27.29 -1.72 -3.84
C GLY A 100 28.30 -2.48 -3.00
N LEU A 101 29.40 -2.85 -3.65
CA LEU A 101 30.45 -3.62 -3.01
C LEU A 101 31.37 -2.72 -2.19
N ARG A 102 31.99 -3.33 -1.19
CA ARG A 102 32.76 -2.59 -0.21
C ARG A 102 34.01 -1.98 -0.82
N PHE A 103 34.66 -2.70 -1.74
CA PHE A 103 35.92 -2.24 -2.31
C PHE A 103 35.86 -2.00 -3.80
N LEU A 104 34.70 -2.13 -4.44
CA LEU A 104 34.62 -2.03 -5.89
C LEU A 104 33.39 -1.23 -6.29
N ASP A 105 33.51 -0.54 -7.43
CA ASP A 105 32.44 0.28 -7.99
C ASP A 105 31.42 -0.62 -8.71
N TRP A 106 30.84 -1.54 -7.93
CA TRP A 106 29.88 -2.50 -8.46
C TRP A 106 28.66 -2.60 -7.55
N PRO A 107 27.45 -2.66 -8.11
CA PRO A 107 26.28 -2.92 -7.28
C PRO A 107 26.36 -4.29 -6.63
N ARG A 108 25.71 -4.43 -5.48
CA ARG A 108 25.43 -5.76 -4.97
C ARG A 108 24.07 -6.28 -5.45
N TRP A 109 23.30 -5.44 -6.14
CA TRP A 109 22.02 -5.79 -6.74
C TRP A 109 20.97 -6.17 -5.70
N GLY A 110 21.15 -5.71 -4.48
CA GLY A 110 20.09 -5.75 -3.48
C GLY A 110 19.95 -4.37 -2.89
N MET A 111 18.71 -4.01 -2.56
CA MET A 111 18.38 -2.65 -2.16
C MET A 111 17.79 -2.62 -0.77
N ASP A 112 18.39 -1.83 0.13
CA ASP A 112 17.98 -1.88 1.53
C ASP A 112 17.20 -0.67 2.01
N VAL A 113 17.31 0.48 1.35
CA VAL A 113 16.49 1.65 1.67
C VAL A 113 15.58 1.92 0.47
N TRP A 114 14.28 2.04 0.74
CA TRP A 114 13.27 2.21 -0.31
C TRP A 114 12.44 3.44 -0.03
N GLY A 115 12.14 4.20 -1.09
CA GLY A 115 11.14 5.24 -1.00
C GLY A 115 9.77 4.64 -0.80
N GLN A 116 8.81 5.51 -0.44
CA GLN A 116 7.46 5.05 -0.13
C GLN A 116 6.63 4.76 -1.38
N GLY A 117 7.14 5.11 -2.56
CA GLY A 117 6.39 4.88 -3.78
C GLY A 117 5.58 6.09 -4.19
N THR A 118 5.52 6.34 -5.49
CA THR A 118 4.64 7.37 -6.05
C THR A 118 3.98 6.80 -7.29
N THR A 119 2.70 7.12 -7.46
CA THR A 119 1.87 6.51 -8.49
C THR A 119 1.86 7.36 -9.75
N VAL A 120 2.09 6.72 -10.89
CA VAL A 120 1.95 7.35 -12.20
C VAL A 120 0.85 6.59 -12.94
N ILE A 121 -0.16 7.32 -13.38
CA ILE A 121 -1.26 6.78 -14.16
C ILE A 121 -1.21 7.44 -15.53
N VAL A 122 -1.10 6.63 -16.58
CA VAL A 122 -1.09 7.11 -17.95
C VAL A 122 -2.45 6.77 -18.54
N SER A 123 -3.32 7.77 -18.65
CA SER A 123 -4.68 7.54 -19.09
C SER A 123 -5.24 8.81 -19.70
N SER A 124 -6.17 8.64 -20.63
CA SER A 124 -6.95 9.76 -21.13
C SER A 124 -8.24 9.98 -20.34
N ALA A 125 -8.42 9.26 -19.23
CA ALA A 125 -9.65 9.35 -18.46
C ALA A 125 -9.74 10.69 -17.74
N SER A 126 -10.97 11.18 -17.58
CA SER A 126 -11.23 12.33 -16.74
C SER A 126 -11.06 11.95 -15.27
N THR A 127 -10.88 12.96 -14.42
CA THR A 127 -10.64 12.75 -12.99
C THR A 127 -11.62 13.60 -12.18
N LYS A 128 -11.79 13.20 -10.92
CA LYS A 128 -12.66 13.91 -9.99
C LYS A 128 -12.07 13.82 -8.60
N GLY A 129 -11.83 14.98 -7.98
CA GLY A 129 -11.28 15.01 -6.64
C GLY A 129 -12.31 14.67 -5.60
N PRO A 130 -11.88 14.21 -4.43
CA PRO A 130 -12.83 13.79 -3.41
C PRO A 130 -13.45 14.95 -2.67
N SER A 131 -14.67 14.70 -2.19
CA SER A 131 -15.28 15.50 -1.14
C SER A 131 -15.02 14.81 0.19
N VAL A 132 -14.59 15.57 1.20
CA VAL A 132 -14.20 15.00 2.49
C VAL A 132 -15.16 15.50 3.56
N PHE A 133 -15.70 14.56 4.35
CA PHE A 133 -16.65 14.87 5.39
C PHE A 133 -16.16 14.32 6.74
N PRO A 134 -16.48 15.00 7.83
CA PRO A 134 -16.01 14.53 9.14
C PRO A 134 -16.88 13.39 9.66
N LEU A 135 -16.23 12.43 10.31
CA LEU A 135 -16.91 11.33 10.98
C LEU A 135 -16.76 11.51 12.48
N ALA A 136 -17.88 11.64 13.18
CA ALA A 136 -17.89 11.78 14.62
C ALA A 136 -18.98 10.89 15.20
N PRO A 137 -18.76 10.31 16.37
CA PRO A 137 -19.76 9.41 16.95
C PRO A 137 -21.03 10.15 17.36
N SER A 138 -22.10 9.39 17.50
CA SER A 138 -23.37 9.92 17.99
C SER A 138 -24.41 8.81 18.08
N THR A 146 -13.03 3.46 24.56
CA THR A 146 -12.49 3.47 23.20
C THR A 146 -13.57 3.88 22.18
N ALA A 147 -13.26 4.91 21.40
CA ALA A 147 -14.16 5.40 20.36
C ALA A 147 -13.30 5.80 19.16
N ALA A 148 -13.90 6.45 18.17
CA ALA A 148 -13.17 6.81 16.97
C ALA A 148 -13.79 8.04 16.32
N LEU A 149 -12.93 8.79 15.62
CA LEU A 149 -13.35 9.86 14.74
C LEU A 149 -12.56 9.74 13.46
N GLY A 150 -13.04 10.34 12.38
CA GLY A 150 -12.37 10.13 11.12
C GLY A 150 -12.82 11.08 10.04
N CYS A 151 -12.48 10.71 8.81
CA CYS A 151 -12.81 11.46 7.61
C CYS A 151 -13.36 10.50 6.57
N LEU A 152 -14.51 10.85 5.99
CA LEU A 152 -15.08 10.12 4.88
C LEU A 152 -14.62 10.80 3.59
N VAL A 153 -13.89 10.07 2.75
CA VAL A 153 -13.32 10.60 1.52
C VAL A 153 -14.15 10.04 0.38
N LYS A 154 -15.01 10.87 -0.20
CA LYS A 154 -16.14 10.41 -0.99
C LYS A 154 -16.05 10.86 -2.44
N ASP A 155 -16.42 9.95 -3.35
CA ASP A 155 -16.70 10.27 -4.75
C ASP A 155 -15.47 10.76 -5.52
N TYR A 156 -14.37 10.01 -5.52
CA TYR A 156 -13.20 10.40 -6.27
C TYR A 156 -12.87 9.36 -7.34
N PHE A 157 -12.10 9.79 -8.32
CA PHE A 157 -11.70 8.93 -9.42
C PHE A 157 -10.52 9.57 -10.14
N PRO A 158 -9.50 8.76 -10.51
CA PRO A 158 -9.33 7.34 -10.18
C PRO A 158 -8.67 7.17 -8.83
N GLU A 159 -8.33 5.94 -8.45
CA GLU A 159 -7.48 5.71 -7.30
C GLU A 159 -6.08 6.19 -7.69
N PRO A 160 -5.19 6.43 -6.70
CA PRO A 160 -5.40 6.32 -5.26
C PRO A 160 -5.61 7.66 -4.54
N VAL A 161 -6.00 7.56 -3.27
CA VAL A 161 -5.90 8.66 -2.32
C VAL A 161 -5.07 8.17 -1.14
N THR A 162 -4.21 9.03 -0.63
CA THR A 162 -3.50 8.79 0.60
C THR A 162 -4.04 9.72 1.68
N VAL A 163 -4.02 9.25 2.92
CA VAL A 163 -4.52 10.00 4.06
C VAL A 163 -3.46 9.98 5.14
N SER A 164 -3.21 11.14 5.73
CA SER A 164 -2.44 11.27 6.96
C SER A 164 -3.26 12.09 7.95
N TRP A 165 -2.77 12.16 9.18
CA TRP A 165 -3.42 12.93 10.24
C TRP A 165 -2.41 13.87 10.87
N ASN A 166 -2.81 15.12 11.09
CA ASN A 166 -1.95 16.17 11.64
C ASN A 166 -0.63 16.24 10.88
N SER A 167 -0.72 16.12 9.55
CA SER A 167 0.44 16.27 8.68
C SER A 167 1.49 15.21 8.93
N GLY A 168 1.06 14.00 9.33
CA GLY A 168 1.97 12.92 9.60
C GLY A 168 2.50 12.88 11.02
N ALA A 169 2.16 13.85 11.86
CA ALA A 169 2.60 13.83 13.25
C ALA A 169 1.85 12.79 14.07
N LEU A 170 0.66 12.39 13.63
CA LEU A 170 -0.17 11.43 14.36
C LEU A 170 -0.24 10.13 13.58
N THR A 171 0.26 9.05 14.18
CA THR A 171 0.27 7.74 13.54
C THR A 171 -0.38 6.68 14.43
N SER A 172 -0.34 6.91 15.75
CA SER A 172 -0.86 5.94 16.69
C SER A 172 -2.40 5.92 16.65
N GLY A 173 -2.96 4.71 16.53
CA GLY A 173 -4.39 4.57 16.47
C GLY A 173 -5.02 4.93 15.14
N VAL A 174 -4.23 5.27 14.14
CA VAL A 174 -4.76 5.64 12.82
C VAL A 174 -4.97 4.38 12.00
N HIS A 175 -6.12 4.29 11.34
CA HIS A 175 -6.44 3.16 10.48
C HIS A 175 -7.16 3.67 9.25
N THR A 176 -6.55 3.47 8.09
CA THR A 176 -7.14 3.85 6.81
C THR A 176 -7.63 2.60 6.12
N PHE A 177 -8.85 2.63 5.68
CA PHE A 177 -9.55 1.45 5.18
C PHE A 177 -9.53 1.40 3.66
N PRO A 178 -9.61 0.21 3.09
CA PRO A 178 -9.57 0.11 1.63
C PRO A 178 -10.78 0.80 1.02
N ALA A 179 -10.62 1.23 -0.23
CA ALA A 179 -11.65 1.98 -0.90
C ALA A 179 -12.76 1.05 -1.40
N VAL A 180 -13.96 1.59 -1.45
CA VAL A 180 -15.11 0.88 -2.01
C VAL A 180 -15.39 1.42 -3.39
N LEU A 181 -15.78 0.53 -4.29
CA LEU A 181 -16.25 0.90 -5.61
C LEU A 181 -17.75 1.16 -5.54
N GLN A 182 -18.14 2.42 -5.72
CA GLN A 182 -19.53 2.79 -5.63
C GLN A 182 -20.31 2.28 -6.83
N SER A 183 -21.64 2.41 -6.75
CA SER A 183 -22.51 1.99 -7.83
C SER A 183 -22.20 2.75 -9.12
N SER A 184 -21.70 3.98 -9.00
CA SER A 184 -21.39 4.84 -10.13
C SER A 184 -20.01 4.58 -10.72
N GLY A 185 -19.19 3.78 -10.06
CA GLY A 185 -17.82 3.60 -10.49
C GLY A 185 -16.84 4.55 -9.84
N LEU A 186 -17.31 5.51 -9.05
CA LEU A 186 -16.42 6.33 -8.25
C LEU A 186 -16.01 5.56 -6.99
N TYR A 187 -15.02 6.10 -6.29
CA TYR A 187 -14.47 5.46 -5.11
C TYR A 187 -14.72 6.31 -3.87
N SER A 188 -14.81 5.63 -2.73
CA SER A 188 -14.79 6.29 -1.44
C SER A 188 -13.97 5.44 -0.48
N LEU A 189 -13.32 6.09 0.48
CA LEU A 189 -12.72 5.38 1.59
C LEU A 189 -12.85 6.23 2.85
N SER A 190 -12.51 5.62 3.98
CA SER A 190 -12.55 6.28 5.27
C SER A 190 -11.23 6.05 5.99
N SER A 191 -10.86 7.04 6.80
CA SER A 191 -9.72 6.94 7.69
C SER A 191 -10.16 7.40 9.07
N VAL A 192 -9.61 6.74 10.09
CA VAL A 192 -10.13 6.83 11.45
C VAL A 192 -8.97 6.91 12.42
N VAL A 193 -9.19 7.65 13.51
CA VAL A 193 -8.29 7.70 14.67
C VAL A 193 -9.04 7.11 15.86
N THR A 194 -8.44 6.10 16.50
CA THR A 194 -9.02 5.52 17.70
C THR A 194 -8.58 6.32 18.91
N VAL A 195 -9.53 6.67 19.77
CA VAL A 195 -9.25 7.46 20.97
C VAL A 195 -10.03 6.90 22.13
N PRO A 196 -9.56 7.12 23.35
CA PRO A 196 -10.39 6.79 24.53
C PRO A 196 -11.70 7.56 24.48
N SER A 197 -12.80 6.85 24.75
CA SER A 197 -14.11 7.51 24.77
C SER A 197 -14.12 8.70 25.72
N SER A 198 -13.32 8.67 26.78
CA SER A 198 -13.21 9.82 27.65
C SER A 198 -12.52 10.99 26.95
N SER A 199 -11.66 10.69 25.97
CA SER A 199 -10.90 11.72 25.27
C SER A 199 -11.67 12.40 24.16
N LEU A 200 -12.98 12.11 24.02
CA LEU A 200 -13.80 12.99 23.20
C LEU A 200 -13.88 14.38 23.79
N GLY A 201 -13.37 14.55 25.01
CA GLY A 201 -12.81 15.83 25.40
C GLY A 201 -12.19 16.44 24.17
N THR A 202 -12.62 17.65 23.85
CA THR A 202 -12.74 18.09 22.46
C THR A 202 -11.38 18.46 21.88
N GLN A 203 -10.58 17.42 21.61
CA GLN A 203 -9.40 17.59 20.77
C GLN A 203 -9.84 17.65 19.32
N THR A 204 -9.22 18.54 18.56
CA THR A 204 -9.52 18.70 17.14
C THR A 204 -8.41 18.03 16.32
N TYR A 205 -8.81 17.22 15.36
CA TYR A 205 -7.90 16.50 14.50
C TYR A 205 -8.05 16.97 13.07
N ILE A 206 -6.98 16.88 12.30
CA ILE A 206 -6.99 17.26 10.89
C ILE A 206 -6.54 16.06 10.07
N CYS A 207 -7.36 15.65 9.12
CA CYS A 207 -6.98 14.62 8.16
C CYS A 207 -6.51 15.29 6.88
N ASN A 208 -5.38 14.83 6.36
CA ASN A 208 -4.78 15.39 5.14
C ASN A 208 -4.97 14.38 4.03
N VAL A 209 -5.81 14.72 3.07
CA VAL A 209 -6.21 13.81 2.00
C VAL A 209 -5.53 14.29 0.71
N ASN A 210 -4.78 13.40 0.08
CA ASN A 210 -4.06 13.71 -1.15
C ASN A 210 -4.64 12.86 -2.27
N HIS A 211 -5.11 13.52 -3.32
CA HIS A 211 -5.60 12.86 -4.54
C HIS A 211 -4.78 13.42 -5.69
N LYS A 212 -3.59 12.88 -5.86
CA LYS A 212 -2.68 13.42 -6.88
C LYS A 212 -3.27 13.36 -8.29
N PRO A 213 -4.05 12.35 -8.67
CA PRO A 213 -4.59 12.33 -10.04
C PRO A 213 -5.30 13.60 -10.44
N SER A 214 -6.01 14.26 -9.52
CA SER A 214 -6.67 15.51 -9.81
C SER A 214 -5.94 16.72 -9.23
N ASN A 215 -4.74 16.53 -8.69
CA ASN A 215 -3.95 17.60 -8.08
C ASN A 215 -4.75 18.32 -7.00
N THR A 216 -5.41 17.53 -6.16
CA THR A 216 -6.25 18.03 -5.08
CA THR A 216 -6.24 18.05 -5.08
C THR A 216 -5.71 17.52 -3.76
N LYS A 217 -5.58 18.41 -2.78
CA LYS A 217 -5.23 18.05 -1.42
C LYS A 217 -6.26 18.70 -0.51
N VAL A 218 -6.78 17.94 0.45
CA VAL A 218 -7.84 18.43 1.34
C VAL A 218 -7.43 18.20 2.78
N ASP A 219 -7.43 19.27 3.57
CA ASP A 219 -7.28 19.21 5.01
C ASP A 219 -8.65 19.46 5.63
N LYS A 220 -9.18 18.47 6.35
CA LYS A 220 -10.49 18.60 6.96
C LYS A 220 -10.37 18.52 8.47
N LYS A 221 -11.00 19.48 9.14
CA LYS A 221 -11.01 19.54 10.58
C LYS A 221 -12.11 18.63 11.12
N VAL A 222 -11.77 17.76 12.07
CA VAL A 222 -12.70 16.83 12.67
C VAL A 222 -12.77 17.15 14.15
N GLU A 223 -13.94 17.63 14.60
CA GLU A 223 -14.14 18.09 15.97
C GLU A 223 -15.44 17.49 16.50
N PRO A 224 -15.37 16.41 17.29
CA PRO A 224 -16.60 15.83 17.84
C PRO A 224 -17.10 16.60 19.07
N ALA B 3 14.20 -15.85 -17.24
CA ALA B 3 13.14 -15.45 -16.32
C ALA B 3 13.29 -16.17 -14.99
N LEU B 4 12.93 -15.50 -13.90
CA LEU B 4 12.91 -16.12 -12.58
C LEU B 4 11.49 -16.57 -12.27
N THR B 5 11.32 -17.84 -11.92
CA THR B 5 10.02 -18.46 -11.72
C THR B 5 9.84 -18.80 -10.25
N GLN B 6 8.77 -18.27 -9.65
CA GLN B 6 8.38 -18.58 -8.28
C GLN B 6 6.96 -19.13 -8.25
N PRO B 7 6.64 -19.99 -7.29
CA PRO B 7 5.24 -20.42 -7.13
C PRO B 7 4.38 -19.23 -6.75
N PRO B 8 3.17 -19.13 -7.33
CA PRO B 8 2.32 -17.98 -6.98
C PRO B 8 1.94 -17.91 -5.52
N SER B 9 1.83 -19.06 -4.85
CA SER B 9 1.37 -19.08 -3.46
C SER B 9 2.12 -20.16 -2.70
N ALA B 10 2.21 -19.96 -1.39
CA ALA B 10 2.72 -20.98 -0.47
C ALA B 10 1.98 -20.83 0.85
N SER B 11 2.01 -21.89 1.65
CA SER B 11 1.34 -21.90 2.94
C SER B 11 2.21 -22.63 3.95
N GLY B 12 2.55 -21.95 5.04
CA GLY B 12 3.29 -22.55 6.13
C GLY B 12 2.51 -22.46 7.43
N SER B 13 2.89 -23.26 8.42
CA SER B 13 2.19 -23.31 9.70
C SER B 13 2.88 -22.41 10.72
N LEU B 14 2.07 -21.76 11.56
CA LEU B 14 2.62 -20.88 12.59
C LEU B 14 3.67 -21.60 13.41
N GLY B 15 4.75 -20.87 13.73
CA GLY B 15 5.85 -21.44 14.49
C GLY B 15 6.72 -22.41 13.73
N GLN B 16 6.38 -22.73 12.49
CA GLN B 16 7.15 -23.68 11.72
C GLN B 16 7.95 -22.96 10.63
N SER B 17 8.38 -23.70 9.60
CA SER B 17 9.17 -23.14 8.53
C SER B 17 8.46 -23.30 7.19
N ILE B 18 8.92 -22.51 6.22
CA ILE B 18 8.52 -22.65 4.83
C ILE B 18 9.72 -22.31 3.98
N THR B 19 9.91 -23.04 2.88
CA THR B 19 10.96 -22.76 1.91
C THR B 19 10.33 -22.46 0.56
N ILE B 20 10.66 -21.30 0.00
CA ILE B 20 10.14 -20.83 -1.28
C ILE B 20 11.26 -20.85 -2.31
N SER B 21 10.94 -21.34 -3.50
CA SER B 21 11.92 -21.53 -4.56
C SER B 21 11.84 -20.40 -5.59
N CYS B 22 12.95 -20.22 -6.28
CA CYS B 22 13.10 -19.19 -7.31
C CYS B 22 14.00 -19.80 -8.37
N THR B 23 13.43 -20.17 -9.52
CA THR B 23 14.16 -20.90 -10.54
C THR B 23 14.55 -19.94 -11.66
N GLY B 24 15.84 -19.80 -11.89
CA GLY B 24 16.35 -19.00 -13.00
C GLY B 24 17.05 -19.86 -14.03
N THR B 25 18.16 -19.36 -14.56
CA THR B 25 18.95 -20.07 -15.55
C THR B 25 20.41 -20.06 -15.12
N ARG B 26 21.24 -20.81 -15.84
CA ARG B 26 22.67 -20.78 -15.56
C ARG B 26 23.29 -19.45 -15.95
N SER B 27 22.58 -18.62 -16.71
CA SER B 27 23.10 -17.30 -17.06
C SER B 27 23.00 -16.32 -15.90
N ASP B 28 22.09 -16.54 -14.97
CA ASP B 28 21.90 -15.63 -13.84
C ASP B 28 22.14 -16.34 -12.51
N ILE B 29 21.12 -17.00 -11.96
CA ILE B 29 21.27 -17.63 -10.66
C ILE B 29 22.38 -18.68 -10.67
N GLY B 30 22.55 -19.38 -11.79
CA GLY B 30 23.58 -20.39 -11.85
C GLY B 30 24.98 -19.82 -11.95
N ALA B 31 25.13 -18.61 -12.48
CA ALA B 31 26.45 -18.03 -12.75
C ALA B 31 26.92 -17.05 -11.70
N TYR B 32 26.03 -16.45 -10.92
CA TYR B 32 26.41 -15.38 -10.01
C TYR B 32 25.74 -15.55 -8.65
N SER B 33 26.37 -15.01 -7.62
CA SER B 33 25.85 -15.01 -6.26
C SER B 33 25.29 -13.64 -5.89
N TYR B 34 24.39 -13.14 -6.72
CA TYR B 34 23.71 -11.87 -6.48
C TYR B 34 22.21 -12.07 -6.54
N VAL B 35 21.72 -13.02 -5.76
CA VAL B 35 20.30 -13.26 -5.59
C VAL B 35 19.84 -12.54 -4.34
N SER B 36 18.73 -11.81 -4.47
CA SER B 36 18.14 -11.10 -3.37
C SER B 36 16.70 -11.54 -3.18
N TRP B 37 16.21 -11.35 -1.96
CA TRP B 37 14.84 -11.69 -1.60
C TRP B 37 14.22 -10.50 -0.89
N TYR B 38 12.97 -10.21 -1.25
CA TYR B 38 12.24 -9.08 -0.73
C TYR B 38 10.91 -9.52 -0.16
N GLN B 39 10.53 -8.93 0.96
CA GLN B 39 9.22 -9.10 1.56
C GLN B 39 8.41 -7.83 1.34
N GLN B 40 7.17 -7.96 0.85
CA GLN B 40 6.32 -6.81 0.63
C GLN B 40 4.95 -7.05 1.26
N HIS B 41 4.57 -6.18 2.19
CA HIS B 41 3.18 -6.15 2.64
C HIS B 41 2.34 -5.29 1.71
N PRO B 42 1.04 -5.58 1.59
CA PRO B 42 0.21 -4.79 0.67
C PRO B 42 0.25 -3.31 1.02
N GLY B 43 0.41 -2.48 -0.01
CA GLY B 43 0.44 -1.04 0.15
C GLY B 43 1.77 -0.49 0.63
N LYS B 44 2.76 -1.34 0.87
CA LYS B 44 4.03 -0.93 1.44
C LYS B 44 5.14 -1.17 0.43
N ALA B 45 6.25 -0.48 0.67
CA ALA B 45 7.44 -0.71 -0.14
C ALA B 45 8.07 -2.04 0.24
N PRO B 46 8.73 -2.71 -0.70
CA PRO B 46 9.44 -3.94 -0.35
C PRO B 46 10.54 -3.68 0.65
N LYS B 47 10.87 -4.72 1.40
CA LYS B 47 11.95 -4.71 2.36
C LYS B 47 12.87 -5.87 2.03
N VAL B 48 14.17 -5.59 1.92
CA VAL B 48 15.13 -6.66 1.59
C VAL B 48 15.36 -7.53 2.81
N ILE B 49 15.35 -8.85 2.61
CA ILE B 49 15.59 -9.79 3.70
C ILE B 49 16.75 -10.74 3.44
N ILE B 50 17.16 -10.95 2.20
CA ILE B 50 18.37 -11.68 1.85
C ILE B 50 19.01 -10.98 0.65
N TYR B 51 20.34 -10.89 0.67
CA TYR B 51 21.07 -10.45 -0.52
C TYR B 51 22.30 -11.33 -0.69
N GLU B 52 22.87 -11.29 -1.88
CA GLU B 52 24.00 -12.15 -2.25
C GLU B 52 23.75 -13.60 -1.82
N VAL B 53 22.54 -14.09 -2.10
CA VAL B 53 22.16 -15.50 -1.96
C VAL B 53 21.82 -15.88 -0.52
N ASN B 54 22.73 -15.64 0.42
CA ASN B 54 22.57 -16.15 1.78
C ASN B 54 22.94 -15.13 2.85
N LYS B 55 23.17 -13.88 2.50
CA LYS B 55 23.60 -12.87 3.47
C LYS B 55 22.39 -12.11 3.97
N ARG B 56 22.35 -11.88 5.28
CA ARG B 56 21.25 -11.17 5.90
C ARG B 56 21.56 -9.69 5.96
N PRO B 57 20.76 -8.83 5.33
CA PRO B 57 20.99 -7.40 5.47
C PRO B 57 20.97 -6.98 6.93
N SER B 58 21.59 -5.83 7.20
CA SER B 58 21.73 -5.36 8.56
C SER B 58 20.38 -5.32 9.26
N GLY B 59 20.34 -5.87 10.47
CA GLY B 59 19.14 -5.91 11.26
C GLY B 59 18.25 -7.11 11.04
N VAL B 60 18.33 -7.75 9.88
CA VAL B 60 17.39 -8.84 9.57
C VAL B 60 17.68 -10.03 10.48
N PRO B 61 16.69 -10.57 11.19
CA PRO B 61 16.96 -11.66 12.13
C PRO B 61 17.38 -12.96 11.46
N ASP B 62 17.99 -13.83 12.28
CA ASP B 62 18.54 -15.11 11.84
C ASP B 62 17.50 -16.01 11.18
N ARG B 63 16.24 -15.90 11.57
CA ARG B 63 15.25 -16.87 11.10
C ARG B 63 14.98 -16.79 9.60
N PHE B 64 15.46 -15.75 8.93
CA PHE B 64 15.45 -15.68 7.47
C PHE B 64 16.79 -16.19 6.94
N SER B 65 16.74 -17.13 6.00
CA SER B 65 17.95 -17.66 5.41
C SER B 65 17.71 -17.94 3.94
N GLY B 66 18.81 -17.95 3.18
CA GLY B 66 18.73 -18.19 1.76
C GLY B 66 19.82 -19.14 1.31
N SER B 67 19.57 -19.78 0.18
CA SER B 67 20.54 -20.67 -0.44
C SER B 67 20.24 -20.73 -1.93
N LYS B 68 21.10 -21.44 -2.65
CA LYS B 68 20.87 -21.78 -4.04
C LYS B 68 21.59 -23.09 -4.33
N SER B 69 20.99 -23.90 -5.20
CA SER B 69 21.64 -25.10 -5.72
C SER B 69 21.35 -25.12 -7.21
N GLY B 70 22.41 -25.17 -8.01
CA GLY B 70 22.21 -25.05 -9.45
C GLY B 70 21.64 -23.68 -9.77
N SER B 71 20.59 -23.66 -10.58
CA SER B 71 19.95 -22.42 -11.01
C SER B 71 18.71 -22.09 -10.18
N THR B 72 18.53 -22.75 -9.05
CA THR B 72 17.40 -22.49 -8.17
C THR B 72 17.90 -21.93 -6.85
N ALA B 73 17.40 -20.76 -6.47
CA ALA B 73 17.61 -20.17 -5.17
C ALA B 73 16.40 -20.45 -4.30
N SER B 74 16.62 -20.48 -2.98
CA SER B 74 15.55 -20.77 -2.04
C SER B 74 15.64 -19.85 -0.84
N LEU B 75 14.49 -19.34 -0.41
CA LEU B 75 14.35 -18.61 0.84
C LEU B 75 13.66 -19.51 1.86
N THR B 76 14.21 -19.57 3.07
CA THR B 76 13.57 -20.29 4.17
C THR B 76 13.23 -19.29 5.27
N VAL B 77 11.99 -19.31 5.73
CA VAL B 77 11.56 -18.54 6.88
C VAL B 77 11.21 -19.53 7.98
N SER B 78 11.94 -19.50 9.07
CA SER B 78 11.67 -20.35 10.21
C SER B 78 10.98 -19.55 11.31
N GLY B 79 10.41 -20.28 12.26
CA GLY B 79 9.64 -19.66 13.33
C GLY B 79 8.59 -18.73 12.76
N LEU B 80 7.79 -19.23 11.82
CA LEU B 80 6.79 -18.42 11.14
C LEU B 80 5.92 -17.65 12.12
N GLN B 81 5.76 -16.35 11.86
CA GLN B 81 4.90 -15.48 12.64
C GLN B 81 3.83 -14.90 11.74
N ALA B 82 2.79 -14.34 12.37
CA ALA B 82 1.74 -13.66 11.60
C ALA B 82 2.33 -12.57 10.72
N ASP B 83 3.35 -11.87 11.21
CA ASP B 83 4.02 -10.82 10.45
C ASP B 83 4.51 -11.30 9.08
N ASP B 84 4.79 -12.60 8.95
CA ASP B 84 5.44 -13.11 7.76
C ASP B 84 4.49 -13.28 6.58
N GLU B 85 3.17 -13.21 6.80
CA GLU B 85 2.24 -13.24 5.68
C GLU B 85 2.46 -12.00 4.82
N SER B 86 2.70 -12.22 3.54
CA SER B 86 3.05 -11.16 2.60
C SER B 86 3.48 -11.79 1.30
N THR B 87 3.92 -10.98 0.34
CA THR B 87 4.42 -11.49 -0.93
C THR B 87 5.93 -11.39 -0.93
N TYR B 88 6.59 -12.47 -1.34
CA TYR B 88 8.03 -12.54 -1.39
C TYR B 88 8.49 -12.56 -2.84
N TYR B 89 9.46 -11.70 -3.17
CA TYR B 89 10.02 -11.61 -4.50
C TYR B 89 11.50 -11.96 -4.44
N CYS B 90 11.94 -12.80 -5.36
CA CYS B 90 13.36 -13.02 -5.56
C CYS B 90 13.83 -12.14 -6.72
N SER B 91 15.12 -11.82 -6.72
CA SER B 91 15.72 -11.15 -7.86
C SER B 91 17.14 -11.68 -8.04
N SER B 92 17.66 -11.52 -9.24
CA SER B 92 19.01 -11.92 -9.55
C SER B 92 19.62 -10.90 -10.49
N TYR B 93 20.91 -10.63 -10.31
CA TYR B 93 21.69 -10.00 -11.36
C TYR B 93 21.57 -10.81 -12.64
N ALA B 94 21.28 -10.12 -13.75
CA ALA B 94 21.01 -10.81 -15.01
C ALA B 94 22.21 -11.59 -15.51
N GLY B 95 23.41 -11.27 -15.04
CA GLY B 95 24.59 -12.02 -15.42
C GLY B 95 25.12 -11.67 -16.80
N ASP B 96 24.25 -11.22 -17.69
CA ASP B 96 24.65 -10.85 -19.04
C ASP B 96 24.88 -9.36 -19.20
N LYS B 97 24.11 -8.54 -18.48
CA LYS B 97 24.26 -7.10 -18.54
C LYS B 97 23.69 -6.53 -17.24
N ASN B 98 24.06 -5.28 -16.95
CA ASN B 98 23.56 -4.61 -15.76
C ASN B 98 22.04 -4.54 -15.80
N PHE B 99 21.40 -5.61 -15.32
CA PHE B 99 19.96 -5.76 -15.35
C PHE B 99 19.58 -6.59 -14.14
N VAL B 100 18.47 -6.22 -13.49
CA VAL B 100 17.91 -6.99 -12.39
C VAL B 100 16.67 -7.71 -12.90
N LEU B 101 16.66 -9.02 -12.73
CA LEU B 101 15.50 -9.85 -13.01
C LEU B 101 14.75 -10.09 -11.71
N PHE B 102 13.42 -10.03 -11.78
CA PHE B 102 12.55 -10.31 -10.65
C PHE B 102 11.70 -11.54 -10.93
N GLY B 103 11.51 -12.38 -9.92
CA GLY B 103 10.47 -13.38 -9.97
C GLY B 103 9.09 -12.76 -9.85
N GLY B 104 8.07 -13.57 -10.12
CA GLY B 104 6.70 -13.11 -10.10
C GLY B 104 6.09 -12.93 -8.72
N GLY B 105 6.77 -13.40 -7.69
CA GLY B 105 6.29 -13.24 -6.33
C GLY B 105 5.60 -14.50 -5.83
N THR B 106 5.74 -14.74 -4.53
CA THR B 106 5.02 -15.81 -3.84
C THR B 106 4.26 -15.21 -2.67
N LYS B 107 2.93 -15.31 -2.71
CA LYS B 107 2.10 -14.85 -1.61
C LYS B 107 2.05 -15.93 -0.53
N LEU B 108 2.51 -15.59 0.67
CA LEU B 108 2.65 -16.56 1.74
C LEU B 108 1.50 -16.44 2.73
N THR B 109 0.83 -17.55 2.97
CA THR B 109 -0.19 -17.65 4.01
C THR B 109 0.39 -18.40 5.20
N VAL B 110 0.11 -17.89 6.39
CA VAL B 110 0.55 -18.53 7.64
C VAL B 110 -0.71 -19.05 8.32
N VAL B 111 -0.85 -20.38 8.38
CA VAL B 111 -2.04 -21.00 8.95
C VAL B 111 -1.80 -21.29 10.42
N GLY B 112 -2.88 -21.58 11.15
CA GLY B 112 -2.78 -21.79 12.57
C GLY B 112 -2.77 -20.53 13.39
N GLN B 113 -3.01 -19.37 12.78
CA GLN B 113 -3.04 -18.13 13.53
C GLN B 113 -4.27 -18.10 14.44
N PRO B 114 -4.22 -17.34 15.53
CA PRO B 114 -5.38 -17.25 16.41
C PRO B 114 -6.52 -16.52 15.71
N LYS B 115 -7.74 -17.02 15.92
CA LYS B 115 -8.91 -16.34 15.39
C LYS B 115 -9.17 -15.06 16.18
N ALA B 116 -9.58 -14.02 15.47
CA ALA B 116 -9.83 -12.72 16.06
C ALA B 116 -11.16 -12.19 15.55
N ASN B 117 -12.03 -11.79 16.47
CA ASN B 117 -13.29 -11.22 16.04
C ASN B 117 -13.17 -9.72 15.84
N PRO B 118 -14.00 -9.17 14.96
CA PRO B 118 -13.81 -7.78 14.53
C PRO B 118 -14.28 -6.75 15.55
N THR B 119 -13.60 -5.61 15.54
CA THR B 119 -14.11 -4.40 16.14
C THR B 119 -14.94 -3.65 15.09
N VAL B 120 -16.10 -3.14 15.49
CA VAL B 120 -17.04 -2.51 14.58
C VAL B 120 -17.35 -1.11 15.07
N THR B 121 -17.24 -0.14 14.16
CA THR B 121 -17.55 1.26 14.44
C THR B 121 -18.52 1.76 13.37
N LEU B 122 -19.66 2.32 13.81
CA LEU B 122 -20.71 2.78 12.90
C LEU B 122 -20.88 4.28 13.06
N PHE B 123 -20.72 5.02 11.96
CA PHE B 123 -20.88 6.47 12.01
C PHE B 123 -22.17 6.90 11.32
N PRO B 124 -22.92 7.83 11.91
CA PRO B 124 -24.07 8.41 11.22
C PRO B 124 -23.62 9.43 10.19
N PRO B 125 -24.52 9.93 9.36
CA PRO B 125 -24.13 10.99 8.42
C PRO B 125 -23.77 12.26 9.18
N SER B 126 -22.71 12.92 8.75
CA SER B 126 -22.32 14.17 9.36
C SER B 126 -23.30 15.27 8.97
N SER B 127 -23.43 16.28 9.83
CA SER B 127 -24.24 17.43 9.49
C SER B 127 -23.72 18.11 8.22
N GLU B 128 -22.41 18.04 8.00
CA GLU B 128 -21.84 18.67 6.81
CA GLU B 128 -21.84 18.67 6.81
C GLU B 128 -22.29 17.94 5.54
N GLU B 129 -22.42 16.62 5.60
CA GLU B 129 -22.87 15.87 4.44
C GLU B 129 -24.37 16.06 4.21
N LEU B 130 -25.16 16.04 5.28
CA LEU B 130 -26.59 16.30 5.15
C LEU B 130 -26.82 17.68 4.54
N GLN B 131 -26.08 18.69 5.02
CA GLN B 131 -26.21 20.02 4.43
C GLN B 131 -25.91 20.02 2.94
N ALA B 132 -25.10 19.06 2.49
CA ALA B 132 -24.84 18.84 1.07
C ALA B 132 -25.89 17.95 0.41
N ASN B 133 -27.03 17.76 1.06
CA ASN B 133 -28.13 16.95 0.52
C ASN B 133 -27.68 15.51 0.26
N LYS B 134 -26.87 14.97 1.17
CA LYS B 134 -26.43 13.58 1.05
C LYS B 134 -26.30 12.98 2.43
N ALA B 135 -26.31 11.66 2.48
CA ALA B 135 -26.22 10.94 3.75
C ALA B 135 -25.58 9.59 3.50
N THR B 136 -24.58 9.26 4.31
CA THR B 136 -23.88 7.99 4.22
C THR B 136 -23.66 7.46 5.62
N LEU B 137 -24.12 6.24 5.88
CA LEU B 137 -23.75 5.52 7.10
C LEU B 137 -22.50 4.71 6.81
N VAL B 138 -21.51 4.82 7.70
CA VAL B 138 -20.19 4.22 7.49
C VAL B 138 -19.94 3.19 8.58
N CYS B 139 -19.81 1.93 8.18
CA CYS B 139 -19.58 0.83 9.11
C CYS B 139 -18.16 0.31 8.88
N LEU B 140 -17.30 0.49 9.87
CA LEU B 140 -15.89 0.15 9.77
C LEU B 140 -15.59 -1.09 10.60
N ILE B 141 -14.85 -2.02 10.02
CA ILE B 141 -14.65 -3.37 10.58
C ILE B 141 -13.16 -3.66 10.57
N SER B 142 -12.59 -3.94 11.74
CA SER B 142 -11.14 -4.04 11.89
C SER B 142 -10.78 -5.18 12.82
N ASP B 143 -9.50 -5.58 12.73
CA ASP B 143 -8.88 -6.50 13.70
C ASP B 143 -9.55 -7.87 13.71
N PHE B 144 -9.88 -8.40 12.54
CA PHE B 144 -10.48 -9.72 12.47
C PHE B 144 -9.62 -10.66 11.64
N TYR B 145 -9.64 -11.93 12.05
CA TYR B 145 -8.91 -12.97 11.37
C TYR B 145 -9.65 -14.30 11.52
N PRO B 146 -9.76 -15.10 10.45
CA PRO B 146 -9.25 -14.82 9.10
C PRO B 146 -10.09 -13.79 8.36
N GLY B 147 -9.66 -13.43 7.15
CA GLY B 147 -10.27 -12.33 6.42
C GLY B 147 -11.51 -12.71 5.64
N ALA B 148 -12.64 -12.84 6.33
CA ALA B 148 -13.93 -13.05 5.67
C ALA B 148 -15.03 -12.68 6.64
N VAL B 149 -15.86 -11.70 6.26
CA VAL B 149 -16.99 -11.26 7.08
C VAL B 149 -18.21 -11.12 6.18
N THR B 150 -19.37 -11.18 6.82
CA THR B 150 -20.64 -10.83 6.21
C THR B 150 -21.19 -9.59 6.90
N VAL B 151 -21.72 -8.67 6.11
CA VAL B 151 -22.28 -7.43 6.64
C VAL B 151 -23.72 -7.32 6.19
N ALA B 152 -24.61 -7.07 7.14
CA ALA B 152 -26.03 -6.85 6.87
C ALA B 152 -26.47 -5.56 7.57
N TRP B 153 -27.43 -4.89 6.95
CA TRP B 153 -27.95 -3.63 7.47
C TRP B 153 -29.42 -3.78 7.78
N LYS B 154 -29.86 -3.07 8.82
CA LYS B 154 -31.26 -2.97 9.18
C LYS B 154 -31.67 -1.50 9.16
N ALA B 155 -32.87 -1.24 8.68
CA ALA B 155 -33.56 0.03 8.87
C ALA B 155 -34.65 -0.23 9.90
N ASP B 156 -34.60 0.48 11.02
CA ASP B 156 -35.36 0.06 12.19
C ASP B 156 -34.99 -1.38 12.48
N SER B 157 -35.95 -2.30 12.34
CA SER B 157 -35.69 -3.73 12.51
C SER B 157 -35.71 -4.49 11.19
N SER B 158 -35.87 -3.79 10.05
CA SER B 158 -36.11 -4.47 8.79
C SER B 158 -34.83 -4.59 7.96
N PRO B 159 -34.56 -5.75 7.35
CA PRO B 159 -33.37 -5.88 6.51
C PRO B 159 -33.48 -5.01 5.27
N VAL B 160 -32.34 -4.46 4.85
CA VAL B 160 -32.28 -3.59 3.68
C VAL B 160 -31.06 -3.94 2.86
N LYS B 161 -31.26 -4.19 1.56
CA LYS B 161 -30.16 -4.38 0.63
C LYS B 161 -29.87 -3.14 -0.20
N ALA B 162 -30.88 -2.29 -0.41
CA ALA B 162 -30.69 -1.10 -1.24
C ALA B 162 -29.69 -0.16 -0.61
N GLY B 163 -28.74 0.32 -1.42
CA GLY B 163 -27.80 1.32 -0.98
C GLY B 163 -26.58 0.80 -0.27
N VAL B 164 -26.42 -0.52 -0.13
CA VAL B 164 -25.31 -1.09 0.62
C VAL B 164 -24.15 -1.37 -0.34
N GLU B 165 -22.96 -0.89 0.02
CA GLU B 165 -21.73 -1.20 -0.69
C GLU B 165 -20.71 -1.68 0.34
N THR B 166 -20.19 -2.89 0.15
CA THR B 166 -19.27 -3.50 1.11
C THR B 166 -17.95 -3.83 0.42
N THR B 167 -16.84 -3.50 1.08
CA THR B 167 -15.52 -3.74 0.49
C THR B 167 -15.10 -5.18 0.68
N THR B 168 -14.08 -5.58 -0.05
CA THR B 168 -13.37 -6.81 0.24
C THR B 168 -12.52 -6.60 1.49
N PRO B 169 -12.07 -7.67 2.13
CA PRO B 169 -11.19 -7.51 3.29
C PRO B 169 -9.77 -7.27 2.83
N SER B 170 -9.06 -6.42 3.59
CA SER B 170 -7.67 -6.10 3.30
C SER B 170 -6.85 -6.19 4.57
N LYS B 171 -5.61 -6.66 4.44
CA LYS B 171 -4.77 -6.89 5.60
C LYS B 171 -4.25 -5.58 6.16
N GLN B 172 -4.15 -5.51 7.48
CA GLN B 172 -3.73 -4.31 8.19
C GLN B 172 -2.25 -4.40 8.57
N SER B 173 -1.73 -3.33 9.16
CA SER B 173 -0.36 -3.35 9.65
C SER B 173 -0.20 -4.31 10.82
N ASN B 174 -1.26 -4.53 11.60
CA ASN B 174 -1.23 -5.50 12.67
C ASN B 174 -1.41 -6.93 12.17
N ASN B 175 -1.47 -7.13 10.85
CA ASN B 175 -1.63 -8.45 10.23
C ASN B 175 -3.02 -9.04 10.44
N LYS B 176 -3.97 -8.21 10.85
CA LYS B 176 -5.39 -8.58 10.86
C LYS B 176 -6.10 -7.85 9.72
N TYR B 177 -7.31 -8.29 9.43
CA TYR B 177 -8.02 -7.78 8.26
C TYR B 177 -8.94 -6.62 8.64
N ALA B 178 -9.23 -5.79 7.64
CA ALA B 178 -10.16 -4.69 7.79
C ALA B 178 -11.08 -4.65 6.58
N ALA B 179 -12.26 -4.10 6.78
CA ALA B 179 -13.22 -3.92 5.70
C ALA B 179 -14.15 -2.78 6.09
N SER B 180 -14.96 -2.38 5.12
CA SER B 180 -15.89 -1.28 5.30
C SER B 180 -17.19 -1.61 4.58
N SER B 181 -18.30 -1.07 5.10
CA SER B 181 -19.59 -1.13 4.44
C SER B 181 -20.26 0.23 4.55
N TYR B 182 -20.81 0.69 3.43
CA TYR B 182 -21.41 2.00 3.30
C TYR B 182 -22.87 1.86 2.89
N LEU B 183 -23.75 2.55 3.60
CA LEU B 183 -25.18 2.58 3.26
C LEU B 183 -25.51 3.99 2.79
N SER B 184 -25.87 4.11 1.52
CA SER B 184 -26.27 5.38 0.95
C SER B 184 -27.78 5.53 1.07
N LEU B 185 -28.22 6.63 1.67
CA LEU B 185 -29.63 6.93 1.77
C LEU B 185 -29.83 8.43 1.59
N THR B 186 -31.06 8.79 1.23
CA THR B 186 -31.42 10.19 1.17
C THR B 186 -31.47 10.77 2.58
N PRO B 187 -31.29 12.08 2.73
CA PRO B 187 -31.50 12.68 4.05
C PRO B 187 -32.89 12.39 4.61
N GLU B 188 -33.90 12.33 3.75
CA GLU B 188 -35.24 11.97 4.19
C GLU B 188 -35.26 10.57 4.80
N GLN B 189 -34.64 9.61 4.12
CA GLN B 189 -34.56 8.25 4.67
C GLN B 189 -33.89 8.25 6.02
N TRP B 190 -32.79 8.98 6.16
CA TRP B 190 -32.04 8.99 7.42
C TRP B 190 -32.90 9.56 8.55
N LYS B 191 -33.49 10.74 8.33
CA LYS B 191 -34.14 11.45 9.42
C LYS B 191 -35.53 10.90 9.76
N SER B 192 -36.16 10.14 8.86
CA SER B 192 -37.49 9.62 9.10
C SER B 192 -37.49 8.23 9.73
N HIS B 193 -36.34 7.60 9.89
CA HIS B 193 -36.25 6.27 10.48
C HIS B 193 -35.79 6.36 11.92
N ARG B 194 -36.31 5.44 12.75
CA ARG B 194 -35.94 5.45 14.16
C ARG B 194 -34.46 5.18 14.35
N SER B 195 -33.89 4.26 13.55
CA SER B 195 -32.49 3.92 13.68
C SER B 195 -32.06 3.05 12.50
N TYR B 196 -30.75 2.96 12.31
CA TYR B 196 -30.13 2.04 11.36
C TYR B 196 -29.06 1.23 12.08
N SER B 197 -28.94 -0.05 11.71
CA SER B 197 -27.99 -0.95 12.34
C SER B 197 -27.08 -1.59 11.31
N CYS B 198 -25.82 -1.78 11.69
CA CYS B 198 -24.85 -2.55 10.91
C CYS B 198 -24.56 -3.83 11.68
N GLN B 199 -24.81 -4.99 11.04
CA GLN B 199 -24.58 -6.30 11.64
C GLN B 199 -23.41 -6.99 10.94
N VAL B 200 -22.37 -7.32 11.69
CA VAL B 200 -21.15 -7.89 11.13
C VAL B 200 -20.97 -9.29 11.67
N THR B 201 -20.92 -10.26 10.76
CA THR B 201 -20.77 -11.68 11.10
C THR B 201 -19.38 -12.17 10.75
N HIS B 202 -18.74 -12.86 11.68
CA HIS B 202 -17.40 -13.41 11.46
C HIS B 202 -17.31 -14.74 12.20
N GLU B 203 -17.16 -15.83 11.46
CA GLU B 203 -17.04 -17.14 12.08
C GLU B 203 -18.26 -17.45 12.94
N GLY B 204 -19.44 -17.12 12.44
CA GLY B 204 -20.68 -17.35 13.17
C GLY B 204 -20.98 -16.34 14.26
N SER B 205 -20.04 -15.44 14.57
CA SER B 205 -20.24 -14.46 15.64
C SER B 205 -20.66 -13.13 15.01
N THR B 206 -21.84 -12.66 15.36
CA THR B 206 -22.39 -11.44 14.81
C THR B 206 -22.38 -10.34 15.86
N VAL B 207 -21.82 -9.20 15.49
CA VAL B 207 -21.83 -8.01 16.32
C VAL B 207 -22.68 -6.97 15.61
N GLU B 208 -23.46 -6.22 16.38
CA GLU B 208 -24.39 -5.22 15.86
C GLU B 208 -24.11 -3.86 16.48
N LYS B 209 -24.11 -2.81 15.64
CA LYS B 209 -24.04 -1.43 16.09
C LYS B 209 -25.20 -0.65 15.49
N THR B 210 -25.66 0.36 16.21
CA THR B 210 -26.86 1.08 15.85
C THR B 210 -26.65 2.58 16.02
N VAL B 211 -27.18 3.35 15.07
CA VAL B 211 -27.18 4.81 15.14
C VAL B 211 -28.59 5.31 14.83
N ALA B 212 -28.87 6.53 15.25
CA ALA B 212 -30.18 7.15 15.07
C ALA B 212 -30.02 8.64 14.80
N PRO B 213 -30.95 9.24 14.06
CA PRO B 213 -30.83 10.68 13.79
C PRO B 213 -30.83 11.53 15.04
N THR B 214 -31.62 11.16 16.03
CA THR B 214 -31.79 11.96 17.23
C THR B 214 -30.56 11.85 18.12
#